data_2HD4
#
_entry.id   2HD4
#
_cell.length_a   68.366
_cell.length_b   68.366
_cell.length_c   108.079
_cell.angle_alpha   90.00
_cell.angle_beta   90.00
_cell.angle_gamma   90.00
#
_symmetry.space_group_name_H-M   'P 43 21 2'
#
loop_
_entity.id
_entity.type
_entity.pdbx_description
1 polymer 'Proteinase K'
2 polymer '8-mer Peptide from Lactotransferrin'
3 non-polymer 'CALCIUM ION'
4 non-polymer 'ACETIC ACID'
5 water water
#
loop_
_entity_poly.entity_id
_entity_poly.type
_entity_poly.pdbx_seq_one_letter_code
_entity_poly.pdbx_strand_id
1 'polypeptide(L)'
;AAQTNAPWGLARISSTSPGTSTYYYDESAGQGSCVYVIDTGIEASHPEFEGRAQMVKTYYYSSRDGNGHGTHCAGTVGSR
TYGVAKKTQLFGVKVLDDNGSGQYSTIIAGMDFVASDKNNRNCPKGVVASLSLGGGYSSSVNSAAARLQSSGVMVAVAAG
NNNADARNYSPASEPSVCTVGASDRYDRRSSFSNYGSVLDIFGPGTDILSTWIGGSTRSISGTSMATPHVAGLAAYLMTL
GKTTAASACRYIADTANKGDLSNIPFGTVNLLAYNNYQA
;
A
2 'polypeptide(L)' GDEQGENK B
#
loop_
_chem_comp.id
_chem_comp.type
_chem_comp.name
_chem_comp.formula
ACY non-polymer 'ACETIC ACID' 'C2 H4 O2'
CA non-polymer 'CALCIUM ION' 'Ca 2'
#
# COMPACT_ATOMS: atom_id res chain seq x y z
N ALA A 1 12.93 1.86 18.06
CA ALA A 1 11.70 2.50 18.64
C ALA A 1 10.60 1.46 18.79
N ALA A 2 9.67 1.74 19.71
CA ALA A 2 8.56 0.85 19.93
C ALA A 2 7.28 1.69 20.04
N GLN A 3 6.24 1.29 19.32
CA GLN A 3 4.91 1.84 19.55
C GLN A 3 4.05 0.81 20.28
N THR A 4 3.78 1.06 21.56
CA THR A 4 2.87 0.21 22.35
C THR A 4 1.40 0.43 21.98
N ASN A 5 0.55 -0.56 22.25
CA ASN A 5 -0.87 -0.57 21.82
C ASN A 5 -1.08 -0.08 20.38
N ALA A 6 -0.24 -0.61 19.47
CA ALA A 6 -0.31 -0.25 18.06
C ALA A 6 -1.48 -0.96 17.38
N PRO A 7 -1.93 -0.44 16.22
CA PRO A 7 -2.84 -1.26 15.40
C PRO A 7 -2.23 -2.65 15.14
N TRP A 8 -3.10 -3.67 15.07
CA TRP A 8 -2.64 -5.05 14.97
C TRP A 8 -1.72 -5.27 13.77
N GLY A 9 -2.07 -4.66 12.63
CA GLY A 9 -1.28 -4.74 11.40
C GLY A 9 0.17 -4.32 11.57
N LEU A 10 0.38 -3.22 12.29
CA LEU A 10 1.73 -2.71 12.57
C LEU A 10 2.53 -3.63 13.46
N ALA A 11 1.90 -4.12 14.53
CA ALA A 11 2.55 -5.09 15.39
C ALA A 11 2.97 -6.34 14.60
N ARG A 12 2.10 -6.78 13.70
CA ARG A 12 2.25 -8.04 12.97
C ARG A 12 3.48 -8.01 12.05
N ILE A 13 3.70 -6.87 11.40
N ILE A 13 3.67 -6.86 11.41
CA ILE A 13 4.80 -6.73 10.45
CA ILE A 13 4.76 -6.63 10.47
C ILE A 13 6.16 -6.50 11.13
C ILE A 13 6.13 -6.63 11.15
N SER A 14 6.15 -6.39 12.46
CA SER A 14 7.40 -6.35 13.26
C SER A 14 7.51 -7.55 14.21
N SER A 15 6.78 -8.62 13.91
CA SER A 15 6.78 -9.82 14.73
C SER A 15 6.80 -11.08 13.88
N THR A 16 7.38 -12.14 14.43
CA THR A 16 7.33 -13.48 13.81
C THR A 16 6.12 -14.28 14.26
N SER A 17 5.34 -13.73 15.20
CA SER A 17 4.14 -14.41 15.71
C SER A 17 2.97 -13.46 15.78
N PRO A 18 1.74 -13.97 15.52
CA PRO A 18 0.56 -13.13 15.67
C PRO A 18 0.27 -12.85 17.15
N GLY A 19 -0.58 -11.87 17.42
CA GLY A 19 -1.12 -11.68 18.76
C GLY A 19 -0.40 -10.69 19.65
N THR A 20 0.62 -10.04 19.10
CA THR A 20 1.37 -9.03 19.84
C THR A 20 0.75 -7.65 19.60
N SER A 21 1.11 -6.68 20.43
CA SER A 21 0.55 -5.34 20.32
C SER A 21 1.57 -4.22 20.15
N THR A 22 2.86 -4.57 20.11
CA THR A 22 3.90 -3.55 19.99
C THR A 22 4.52 -3.57 18.60
N TYR A 23 4.62 -2.39 18.00
CA TYR A 23 5.27 -2.21 16.72
C TYR A 23 6.72 -1.74 16.91
N TYR A 24 7.67 -2.58 16.53
CA TYR A 24 9.09 -2.29 16.68
C TYR A 24 9.60 -1.89 15.33
N TYR A 25 10.29 -0.77 15.27
CA TYR A 25 10.81 -0.21 14.02
C TYR A 25 12.03 0.63 14.28
N ASP A 26 12.84 0.83 13.24
CA ASP A 26 13.97 1.73 13.32
C ASP A 26 13.50 3.19 13.22
N GLU A 27 14.05 4.03 14.10
N GLU A 27 14.04 4.05 14.09
CA GLU A 27 13.65 5.43 14.26
CA GLU A 27 13.58 5.43 14.23
C GLU A 27 13.84 6.36 13.05
C GLU A 27 13.72 6.29 12.97
N SER A 28 14.60 5.89 12.06
CA SER A 28 14.74 6.56 10.75
C SER A 28 13.38 6.67 10.04
N ALA A 29 12.60 5.60 10.12
CA ALA A 29 11.15 5.60 9.84
C ALA A 29 10.76 6.14 8.47
N GLY A 30 11.52 5.78 7.43
CA GLY A 30 11.20 6.25 6.09
C GLY A 30 11.49 7.70 5.73
N GLN A 31 12.23 8.40 6.59
N GLN A 31 12.22 8.41 6.59
CA GLN A 31 12.67 9.78 6.35
CA GLN A 31 12.62 9.80 6.32
C GLN A 31 13.56 9.87 5.09
C GLN A 31 13.55 9.87 5.10
N GLY A 32 13.27 10.81 4.21
CA GLY A 32 14.03 10.95 2.96
C GLY A 32 13.44 10.17 1.79
N SER A 33 12.43 9.34 2.06
CA SER A 33 11.70 8.63 1.01
C SER A 33 10.36 9.29 0.75
N CYS A 34 9.75 8.96 -0.39
CA CYS A 34 8.47 9.53 -0.78
C CYS A 34 7.53 8.44 -1.25
N VAL A 35 6.26 8.55 -0.84
CA VAL A 35 5.23 7.61 -1.31
C VAL A 35 4.08 8.40 -1.96
N TYR A 36 3.80 8.10 -3.22
CA TYR A 36 2.63 8.62 -3.91
C TYR A 36 1.48 7.68 -3.65
N VAL A 37 0.36 8.23 -3.16
CA VAL A 37 -0.83 7.44 -2.94
C VAL A 37 -1.79 7.81 -4.08
N ILE A 38 -2.08 6.83 -4.91
CA ILE A 38 -2.84 7.05 -6.11
C ILE A 38 -4.24 6.49 -5.85
N ASP A 39 -5.18 7.39 -5.58
CA ASP A 39 -6.44 7.02 -4.95
C ASP A 39 -7.51 8.16 -5.02
N THR A 40 -8.35 8.29 -4.00
CA THR A 40 -9.38 9.34 -3.95
C THR A 40 -8.87 10.70 -3.45
N GLY A 41 -7.58 10.78 -3.17
CA GLY A 41 -6.95 11.96 -2.58
C GLY A 41 -6.53 11.70 -1.16
N ILE A 42 -5.99 12.72 -0.50
CA ILE A 42 -5.58 12.65 0.90
C ILE A 42 -6.03 13.93 1.58
N GLU A 43 -6.67 13.81 2.75
CA GLU A 43 -6.93 14.99 3.55
C GLU A 43 -5.62 15.41 4.24
N ALA A 44 -4.82 16.22 3.51
CA ALA A 44 -3.48 16.64 3.94
C ALA A 44 -3.47 17.35 5.27
N SER A 45 -4.59 18.00 5.61
CA SER A 45 -4.70 18.78 6.85
C SER A 45 -4.89 17.95 8.11
N HIS A 46 -5.11 16.64 7.97
CA HIS A 46 -5.29 15.77 9.13
C HIS A 46 -4.06 15.86 10.02
N PRO A 47 -4.24 16.14 11.32
CA PRO A 47 -3.12 16.27 12.27
C PRO A 47 -2.19 15.06 12.30
N GLU A 48 -2.70 13.88 11.95
CA GLU A 48 -1.91 12.64 11.95
C GLU A 48 -0.81 12.59 10.88
N PHE A 49 -0.87 13.48 9.89
CA PHE A 49 0.15 13.56 8.83
C PHE A 49 1.26 14.56 9.16
N GLU A 50 1.02 15.41 10.18
CA GLU A 50 2.01 16.36 10.69
C GLU A 50 2.58 17.27 9.59
N GLY A 51 1.80 17.56 8.57
CA GLY A 51 2.29 18.41 7.48
C GLY A 51 3.21 17.69 6.48
N ARG A 52 3.32 16.37 6.61
CA ARG A 52 4.12 15.57 5.68
C ARG A 52 3.34 15.11 4.45
N ALA A 53 2.07 15.51 4.36
CA ALA A 53 1.22 15.11 3.23
C ALA A 53 0.88 16.29 2.35
N GLN A 54 0.88 16.08 1.04
CA GLN A 54 0.36 17.09 0.12
C GLN A 54 -0.25 16.50 -1.13
N MET A 55 -1.28 17.19 -1.63
CA MET A 55 -1.89 16.87 -2.91
C MET A 55 -1.03 17.47 -4.03
N VAL A 56 -0.69 16.67 -5.03
CA VAL A 56 0.13 17.15 -6.14
C VAL A 56 -0.63 17.15 -7.46
N LYS A 57 -1.67 16.33 -7.57
CA LYS A 57 -2.42 16.19 -8.81
C LYS A 57 -3.87 15.73 -8.58
N THR A 58 -4.83 16.38 -9.23
CA THR A 58 -6.18 15.85 -9.29
C THR A 58 -6.74 15.79 -10.70
N TYR A 59 -7.55 14.78 -10.98
CA TYR A 59 -8.23 14.66 -12.28
C TYR A 59 -9.70 15.04 -12.24
N TYR A 60 -10.14 15.60 -11.12
CA TYR A 60 -11.52 16.04 -10.92
C TYR A 60 -11.59 17.53 -10.50
N TYR A 61 -12.80 18.05 -10.35
CA TYR A 61 -13.02 19.47 -10.02
C TYR A 61 -12.27 19.95 -8.76
N SER A 62 -12.16 19.04 -7.78
CA SER A 62 -11.43 19.29 -6.52
C SER A 62 -10.27 18.31 -6.31
N SER A 63 -9.31 18.71 -5.47
CA SER A 63 -8.23 17.82 -5.06
C SER A 63 -8.54 17.20 -3.69
N ARG A 64 -9.65 17.64 -3.12
CA ARG A 64 -10.15 17.19 -1.81
C ARG A 64 -10.56 15.70 -1.83
N ASP A 65 -10.16 14.95 -0.80
CA ASP A 65 -10.66 13.59 -0.58
C ASP A 65 -12.07 13.66 0.02
N GLY A 66 -13.08 13.47 -0.81
CA GLY A 66 -14.48 13.45 -0.35
C GLY A 66 -15.00 12.05 -0.09
N ASN A 67 -14.11 11.06 -0.12
CA ASN A 67 -14.49 9.66 0.10
C ASN A 67 -13.97 9.14 1.45
N GLY A 68 -12.66 9.20 1.63
CA GLY A 68 -12.04 8.65 2.84
C GLY A 68 -11.03 7.56 2.53
N HIS A 69 -11.24 6.83 1.45
CA HIS A 69 -10.41 5.68 1.06
C HIS A 69 -8.94 6.05 0.91
N GLY A 70 -8.66 7.12 0.17
CA GLY A 70 -7.29 7.61 -0.04
C GLY A 70 -6.63 8.04 1.26
N THR A 71 -7.35 8.77 2.10
CA THR A 71 -6.82 9.19 3.41
C THR A 71 -6.50 7.98 4.29
N HIS A 72 -7.35 6.95 4.21
CA HIS A 72 -7.14 5.72 4.99
C HIS A 72 -5.83 5.02 4.59
N CYS A 73 -5.61 4.82 3.30
CA CYS A 73 -4.40 4.16 2.79
C CYS A 73 -3.15 4.96 3.06
N ALA A 74 -3.21 6.27 2.83
CA ALA A 74 -2.08 7.15 3.14
C ALA A 74 -1.72 7.06 4.62
N GLY A 75 -2.73 6.96 5.48
CA GLY A 75 -2.54 6.83 6.92
C GLY A 75 -1.76 5.60 7.34
N THR A 76 -2.02 4.49 6.66
CA THR A 76 -1.33 3.23 6.89
C THR A 76 0.12 3.28 6.38
N VAL A 77 0.33 4.00 5.27
CA VAL A 77 1.69 4.25 4.78
C VAL A 77 2.52 5.01 5.81
N GLY A 78 2.03 6.17 6.25
CA GLY A 78 2.86 7.01 7.08
C GLY A 78 2.25 8.07 7.97
N SER A 79 1.09 7.80 8.57
CA SER A 79 0.58 8.65 9.65
C SER A 79 1.38 8.35 10.92
N ARG A 80 1.44 9.32 11.82
CA ARG A 80 2.10 9.16 13.11
C ARG A 80 1.67 7.87 13.84
N THR A 81 0.37 7.69 14.04
CA THR A 81 -0.12 6.59 14.88
C THR A 81 -0.43 5.30 14.14
N TYR A 82 -0.84 5.39 12.88
CA TYR A 82 -1.36 4.25 12.15
C TYR A 82 -0.46 3.82 11.00
N GLY A 83 0.67 4.50 10.86
CA GLY A 83 1.56 4.35 9.72
C GLY A 83 2.79 3.50 9.94
N VAL A 84 3.21 2.83 8.86
CA VAL A 84 4.41 1.99 8.86
C VAL A 84 5.67 2.86 8.85
N ALA A 85 5.72 3.81 7.92
CA ALA A 85 6.88 4.68 7.75
C ALA A 85 6.53 6.08 8.24
N LYS A 86 6.76 6.32 9.53
CA LYS A 86 6.15 7.45 10.24
C LYS A 86 6.77 8.81 9.92
N LYS A 87 7.82 8.82 9.12
CA LYS A 87 8.49 10.07 8.75
C LYS A 87 8.61 10.26 7.23
N THR A 88 7.96 9.39 6.46
CA THR A 88 7.98 9.52 5.01
C THR A 88 7.21 10.75 4.51
N GLN A 89 7.46 11.14 3.28
CA GLN A 89 6.71 12.19 2.61
C GLN A 89 5.60 11.56 1.78
N LEU A 90 4.38 12.08 1.93
CA LEU A 90 3.24 11.56 1.22
C LEU A 90 2.75 12.52 0.14
N PHE A 91 2.50 11.98 -1.06
CA PHE A 91 1.99 12.75 -2.18
C PHE A 91 0.67 12.16 -2.65
N GLY A 92 -0.35 13.00 -2.73
CA GLY A 92 -1.66 12.56 -3.16
C GLY A 92 -1.91 12.83 -4.63
N VAL A 93 -2.38 11.80 -5.32
CA VAL A 93 -2.78 11.90 -6.72
C VAL A 93 -4.21 11.38 -6.78
N LYS A 94 -5.18 12.26 -7.08
CA LYS A 94 -6.59 11.86 -7.09
C LYS A 94 -7.09 11.40 -8.48
N VAL A 95 -7.10 10.09 -8.70
CA VAL A 95 -7.56 9.47 -9.95
C VAL A 95 -8.94 8.83 -9.77
N LEU A 96 -9.38 8.72 -8.52
CA LEU A 96 -10.70 8.17 -8.22
C LEU A 96 -11.59 9.31 -7.75
N ASP A 97 -12.85 9.29 -8.17
CA ASP A 97 -13.81 10.30 -7.70
C ASP A 97 -14.27 10.03 -6.27
N ASP A 98 -15.12 10.89 -5.73
CA ASP A 98 -15.61 10.73 -4.36
C ASP A 98 -16.53 9.54 -4.09
N ASN A 99 -16.90 8.82 -5.14
CA ASN A 99 -17.64 7.55 -5.02
C ASN A 99 -16.73 6.33 -5.04
N GLY A 100 -15.42 6.56 -5.21
CA GLY A 100 -14.43 5.50 -5.28
C GLY A 100 -14.20 5.00 -6.69
N SER A 101 -14.75 5.72 -7.67
CA SER A 101 -14.76 5.30 -9.08
C SER A 101 -13.83 6.11 -9.96
N GLY A 102 -13.36 5.50 -11.04
CA GLY A 102 -12.55 6.20 -12.04
C GLY A 102 -12.43 5.35 -13.27
N GLN A 103 -12.24 5.99 -14.42
CA GLN A 103 -12.01 5.20 -15.63
C GLN A 103 -10.53 4.92 -15.86
N TYR A 104 -10.29 3.87 -16.61
CA TYR A 104 -8.95 3.39 -16.91
C TYR A 104 -8.00 4.45 -17.49
N SER A 105 -8.48 5.29 -18.40
CA SER A 105 -7.66 6.36 -18.98
C SER A 105 -7.11 7.34 -17.94
N THR A 106 -7.90 7.65 -16.92
CA THR A 106 -7.47 8.57 -15.84
C THR A 106 -6.42 7.92 -14.92
N ILE A 107 -6.68 6.69 -14.48
CA ILE A 107 -5.73 5.90 -13.70
C ILE A 107 -4.38 5.77 -14.41
N ILE A 108 -4.39 5.52 -15.73
CA ILE A 108 -3.18 5.44 -16.54
C ILE A 108 -2.46 6.80 -16.57
N ALA A 109 -3.21 7.86 -16.81
CA ALA A 109 -2.69 9.21 -16.75
C ALA A 109 -2.00 9.49 -15.41
N GLY A 110 -2.64 9.07 -14.32
CA GLY A 110 -2.10 9.30 -12.97
C GLY A 110 -0.77 8.60 -12.74
N MET A 111 -0.65 7.37 -13.27
CA MET A 111 0.60 6.62 -13.21
C MET A 111 1.72 7.26 -14.04
N ASP A 112 1.40 7.75 -15.23
CA ASP A 112 2.39 8.43 -16.07
C ASP A 112 2.82 9.74 -15.43
N PHE A 113 1.86 10.43 -14.82
CA PHE A 113 2.15 11.63 -14.05
C PHE A 113 3.21 11.38 -12.97
N VAL A 114 2.99 10.38 -12.12
CA VAL A 114 3.94 10.02 -11.06
C VAL A 114 5.34 9.74 -11.61
N ALA A 115 5.44 8.94 -12.70
CA ALA A 115 6.72 8.64 -13.36
C ALA A 115 7.55 9.90 -13.68
N SER A 116 6.87 10.95 -14.13
CA SER A 116 7.48 12.22 -14.49
C SER A 116 7.70 13.14 -13.28
N ASP A 117 6.66 13.26 -12.45
CA ASP A 117 6.66 14.16 -11.29
C ASP A 117 7.77 13.91 -10.26
N LYS A 118 8.16 12.65 -10.09
CA LYS A 118 9.15 12.29 -9.10
C LYS A 118 10.50 12.97 -9.36
N ASN A 119 10.69 13.35 -10.62
CA ASN A 119 11.86 14.11 -11.09
C ASN A 119 11.86 15.57 -10.61
N ASN A 120 10.71 16.04 -10.13
CA ASN A 120 10.61 17.39 -9.55
C ASN A 120 10.73 17.41 -8.03
N ARG A 121 10.83 16.22 -7.41
CA ARG A 121 10.76 16.11 -5.96
C ARG A 121 12.09 15.69 -5.36
N ASN A 122 12.28 16.08 -4.10
CA ASN A 122 13.48 15.73 -3.36
C ASN A 122 13.20 14.49 -2.52
N CYS A 123 13.60 13.34 -3.04
CA CYS A 123 13.35 12.05 -2.41
C CYS A 123 14.64 11.22 -2.42
N PRO A 124 15.65 11.64 -1.62
CA PRO A 124 16.98 11.03 -1.72
C PRO A 124 17.00 9.52 -1.50
N LYS A 125 16.12 9.00 -0.64
CA LYS A 125 16.05 7.56 -0.32
C LYS A 125 15.19 6.71 -1.27
N GLY A 126 14.42 7.36 -2.14
CA GLY A 126 13.64 6.63 -3.12
C GLY A 126 12.16 6.95 -3.17
N VAL A 127 11.49 6.39 -4.18
CA VAL A 127 10.10 6.70 -4.47
C VAL A 127 9.28 5.43 -4.54
N VAL A 128 8.14 5.46 -3.84
CA VAL A 128 7.19 4.36 -3.82
C VAL A 128 5.85 4.88 -4.34
N ALA A 129 5.10 4.01 -5.03
CA ALA A 129 3.73 4.31 -5.46
C ALA A 129 2.78 3.23 -4.93
N SER A 130 1.68 3.66 -4.33
CA SER A 130 0.76 2.72 -3.71
C SER A 130 -0.58 2.80 -4.45
N LEU A 131 -0.98 1.67 -5.04
N LEU A 131 -0.98 1.67 -5.04
CA LEU A 131 -2.19 1.58 -5.85
CA LEU A 131 -2.20 1.60 -5.83
C LEU A 131 -3.22 0.63 -5.24
C LEU A 131 -3.23 0.64 -5.25
N SER A 132 -4.12 1.19 -4.45
CA SER A 132 -5.18 0.42 -3.81
C SER A 132 -6.44 0.52 -4.66
N LEU A 133 -6.35 -0.03 -5.87
CA LEU A 133 -7.43 -0.01 -6.83
C LEU A 133 -7.22 -1.13 -7.84
N GLY A 134 -8.24 -1.35 -8.65
CA GLY A 134 -8.12 -2.27 -9.75
C GLY A 134 -9.46 -2.50 -10.38
N GLY A 135 -9.46 -3.26 -11.47
CA GLY A 135 -10.70 -3.69 -12.09
C GLY A 135 -10.42 -4.90 -12.94
N GLY A 136 -11.29 -5.17 -13.90
CA GLY A 136 -11.11 -6.26 -14.84
C GLY A 136 -9.81 -6.11 -15.61
N TYR A 137 -9.32 -7.21 -16.16
CA TYR A 137 -8.07 -7.21 -16.87
C TYR A 137 -8.01 -6.14 -17.96
N SER A 138 -6.87 -5.46 -18.04
CA SER A 138 -6.61 -4.52 -19.13
C SER A 138 -5.12 -4.54 -19.41
N SER A 139 -4.76 -4.76 -20.67
CA SER A 139 -3.34 -4.78 -21.04
C SER A 139 -2.70 -3.37 -20.93
N SER A 140 -3.49 -2.32 -21.20
N SER A 140 -3.50 -2.33 -21.20
CA SER A 140 -2.96 -0.96 -21.14
CA SER A 140 -3.02 -0.95 -21.14
C SER A 140 -2.83 -0.44 -19.71
C SER A 140 -2.82 -0.46 -19.72
N VAL A 141 -3.65 -0.95 -18.81
CA VAL A 141 -3.50 -0.62 -17.38
C VAL A 141 -2.27 -1.32 -16.84
N ASN A 142 -2.13 -2.61 -17.16
CA ASN A 142 -0.93 -3.36 -16.81
C ASN A 142 0.34 -2.71 -17.34
N SER A 143 0.28 -2.20 -18.57
N SER A 143 0.27 -2.19 -18.57
CA SER A 143 1.43 -1.55 -19.21
CA SER A 143 1.41 -1.56 -19.22
C SER A 143 1.87 -0.29 -18.46
C SER A 143 1.86 -0.28 -18.50
N ALA A 144 0.90 0.54 -18.08
CA ALA A 144 1.20 1.77 -17.32
C ALA A 144 1.85 1.49 -15.97
N ALA A 145 1.43 0.41 -15.32
CA ALA A 145 2.01 0.00 -14.05
C ALA A 145 3.45 -0.49 -14.24
N ALA A 146 3.68 -1.23 -15.33
CA ALA A 146 5.02 -1.68 -15.71
C ALA A 146 5.95 -0.50 -16.02
N ARG A 147 5.44 0.50 -16.74
CA ARG A 147 6.20 1.74 -17.04
C ARG A 147 6.63 2.51 -15.79
N LEU A 148 5.70 2.66 -14.85
CA LEU A 148 5.98 3.37 -13.62
C LEU A 148 7.08 2.65 -12.83
N GLN A 149 6.98 1.31 -12.78
CA GLN A 149 7.97 0.50 -12.09
C GLN A 149 9.35 0.61 -12.77
N SER A 150 9.35 0.47 -14.09
CA SER A 150 10.53 0.68 -14.95
C SER A 150 11.19 2.04 -14.72
N SER A 151 10.39 3.09 -14.52
CA SER A 151 10.89 4.45 -14.34
C SER A 151 11.67 4.63 -13.03
N GLY A 152 11.65 3.63 -12.16
CA GLY A 152 12.39 3.69 -10.90
C GLY A 152 11.54 4.00 -9.67
N VAL A 153 10.27 3.60 -9.72
CA VAL A 153 9.35 3.72 -8.59
C VAL A 153 8.98 2.31 -8.16
N MET A 154 9.00 2.06 -6.85
CA MET A 154 8.54 0.79 -6.32
C MET A 154 7.02 0.80 -6.35
N VAL A 155 6.43 -0.01 -7.23
CA VAL A 155 4.97 -0.09 -7.36
C VAL A 155 4.34 -1.26 -6.60
N ALA A 156 3.43 -0.94 -5.69
CA ALA A 156 2.68 -1.95 -4.94
C ALA A 156 1.19 -1.79 -5.28
N VAL A 157 0.50 -2.90 -5.54
CA VAL A 157 -0.90 -2.86 -5.99
C VAL A 157 -1.74 -3.90 -5.27
N ALA A 158 -3.01 -3.58 -5.04
CA ALA A 158 -3.92 -4.52 -4.39
C ALA A 158 -4.22 -5.70 -5.32
N ALA A 159 -4.23 -6.92 -4.77
CA ALA A 159 -4.62 -8.12 -5.52
C ALA A 159 -6.09 -8.08 -5.93
N GLY A 160 -6.92 -7.37 -5.16
CA GLY A 160 -8.36 -7.33 -5.41
C GLY A 160 -9.17 -8.13 -4.40
N ASN A 161 -10.46 -7.82 -4.30
CA ASN A 161 -11.31 -8.37 -3.23
C ASN A 161 -12.40 -9.32 -3.71
N ASN A 162 -12.07 -10.18 -4.67
CA ASN A 162 -13.07 -11.02 -5.33
C ASN A 162 -13.00 -12.51 -4.95
N ASN A 163 -12.18 -12.84 -3.95
CA ASN A 163 -11.88 -14.25 -3.63
C ASN A 163 -11.64 -15.10 -4.90
N ALA A 164 -10.83 -14.56 -5.82
CA ALA A 164 -10.58 -15.19 -7.11
C ALA A 164 -9.10 -15.10 -7.47
N ASP A 165 -8.75 -15.67 -8.61
CA ASP A 165 -7.39 -15.63 -9.09
C ASP A 165 -7.16 -14.22 -9.66
N ALA A 166 -6.15 -13.53 -9.14
CA ALA A 166 -5.87 -12.13 -9.51
C ALA A 166 -5.42 -11.92 -10.96
N ARG A 167 -5.23 -13.02 -11.69
CA ARG A 167 -4.81 -13.00 -13.10
C ARG A 167 -5.82 -12.32 -14.04
N ASN A 168 -7.05 -12.17 -13.56
CA ASN A 168 -8.12 -11.57 -14.37
C ASN A 168 -8.39 -10.11 -14.00
N TYR A 169 -7.49 -9.54 -13.21
CA TYR A 169 -7.63 -8.18 -12.70
C TYR A 169 -6.38 -7.34 -12.96
N SER A 170 -6.58 -6.05 -13.13
CA SER A 170 -5.51 -5.09 -13.43
C SER A 170 -5.59 -3.88 -12.49
N PRO A 171 -4.44 -3.33 -12.07
CA PRO A 171 -3.04 -3.71 -12.39
C PRO A 171 -2.47 -4.94 -11.67
N ALA A 172 -3.29 -5.64 -10.90
CA ALA A 172 -2.85 -6.79 -10.09
C ALA A 172 -2.09 -7.87 -10.87
N SER A 173 -2.49 -8.09 -12.13
CA SER A 173 -1.92 -9.17 -12.94
C SER A 173 -0.61 -8.83 -13.65
N GLU A 174 -0.13 -7.58 -13.53
CA GLU A 174 1.16 -7.19 -14.10
C GLU A 174 2.29 -7.84 -13.28
N PRO A 175 3.05 -8.76 -13.89
CA PRO A 175 4.06 -9.50 -13.13
C PRO A 175 5.15 -8.62 -12.53
N SER A 176 5.45 -7.48 -13.16
CA SER A 176 6.62 -6.65 -12.79
C SER A 176 6.46 -5.81 -11.53
N VAL A 177 5.22 -5.62 -11.08
CA VAL A 177 4.94 -4.79 -9.90
C VAL A 177 4.75 -5.69 -8.66
N CYS A 178 4.52 -5.11 -7.49
CA CYS A 178 4.35 -5.91 -6.29
C CYS A 178 2.88 -6.04 -5.93
N THR A 179 2.34 -7.24 -6.14
CA THR A 179 0.90 -7.51 -5.97
C THR A 179 0.64 -8.05 -4.56
N VAL A 180 -0.26 -7.37 -3.84
CA VAL A 180 -0.43 -7.56 -2.39
C VAL A 180 -1.80 -8.15 -2.01
N GLY A 181 -1.76 -9.35 -1.43
CA GLY A 181 -2.92 -10.01 -0.82
C GLY A 181 -3.11 -9.58 0.63
N ALA A 182 -4.26 -9.93 1.20
CA ALA A 182 -4.62 -9.52 2.56
C ALA A 182 -4.71 -10.70 3.52
N SER A 183 -4.27 -10.46 4.75
CA SER A 183 -4.45 -11.43 5.83
C SER A 183 -5.21 -10.80 7.01
N ASP A 184 -5.76 -11.63 7.89
CA ASP A 184 -6.42 -11.14 9.09
C ASP A 184 -5.55 -11.39 10.32
N ARG A 185 -6.02 -10.95 11.49
CA ARG A 185 -5.21 -11.00 12.71
C ARG A 185 -4.87 -12.39 13.26
N TYR A 186 -5.54 -13.42 12.74
CA TYR A 186 -5.25 -14.80 13.15
C TYR A 186 -4.40 -15.50 12.12
N ASP A 187 -3.71 -14.72 11.27
CA ASP A 187 -2.85 -15.25 10.21
C ASP A 187 -3.59 -16.13 9.20
N ARG A 188 -4.85 -15.81 8.93
CA ARG A 188 -5.61 -16.46 7.89
C ARG A 188 -5.64 -15.53 6.70
N ARG A 189 -5.66 -16.07 5.48
CA ARG A 189 -5.94 -15.25 4.29
C ARG A 189 -7.30 -14.61 4.53
N SER A 190 -7.41 -13.31 4.26
CA SER A 190 -8.70 -12.62 4.36
C SER A 190 -9.71 -13.29 3.42
N SER A 191 -10.95 -13.39 3.87
CA SER A 191 -11.96 -14.19 3.16
C SER A 191 -12.21 -13.64 1.77
N PHE A 192 -12.10 -12.32 1.63
CA PHE A 192 -12.30 -11.65 0.35
C PHE A 192 -11.07 -11.64 -0.56
N SER A 193 -9.88 -11.94 -0.02
CA SER A 193 -8.64 -11.69 -0.75
C SER A 193 -8.50 -12.55 -2.01
N ASN A 194 -8.11 -11.92 -3.12
CA ASN A 194 -7.67 -12.65 -4.32
C ASN A 194 -6.36 -13.39 -4.04
N TYR A 195 -6.04 -14.36 -4.89
CA TYR A 195 -4.89 -15.24 -4.70
C TYR A 195 -4.36 -15.57 -6.08
N GLY A 196 -3.41 -16.49 -6.15
CA GLY A 196 -2.88 -16.97 -7.41
C GLY A 196 -1.39 -16.74 -7.52
N SER A 197 -0.82 -17.18 -8.64
CA SER A 197 0.62 -17.18 -8.81
C SER A 197 1.21 -15.77 -8.98
N VAL A 198 0.39 -14.83 -9.42
CA VAL A 198 0.84 -13.44 -9.61
C VAL A 198 1.05 -12.66 -8.29
N LEU A 199 0.46 -13.13 -7.20
CA LEU A 199 0.70 -12.52 -5.88
C LEU A 199 2.13 -12.65 -5.45
N ASP A 200 2.66 -11.57 -4.87
CA ASP A 200 4.05 -11.52 -4.44
C ASP A 200 4.22 -11.68 -2.93
N ILE A 201 3.21 -11.24 -2.18
CA ILE A 201 3.33 -11.06 -0.73
C ILE A 201 1.95 -10.79 -0.12
N PHE A 202 1.78 -11.14 1.15
CA PHE A 202 0.56 -10.78 1.88
C PHE A 202 0.82 -9.69 2.92
N GLY A 203 -0.19 -8.86 3.17
CA GLY A 203 -0.12 -7.85 4.24
C GLY A 203 -1.40 -7.82 5.09
N PRO A 204 -1.32 -7.29 6.32
CA PRO A 204 -2.54 -7.11 7.12
C PRO A 204 -3.60 -6.30 6.37
N GLY A 205 -4.79 -6.88 6.21
CA GLY A 205 -5.87 -6.27 5.43
C GLY A 205 -7.26 -6.36 6.05
N THR A 206 -7.42 -7.11 7.14
CA THR A 206 -8.73 -7.20 7.78
C THR A 206 -8.77 -6.38 9.06
N ASP A 207 -9.76 -5.49 9.16
N ASP A 207 -9.79 -5.52 9.17
CA ASP A 207 -9.97 -4.68 10.38
CA ASP A 207 -10.00 -4.65 10.33
C ASP A 207 -8.80 -3.74 10.66
C ASP A 207 -8.78 -3.79 10.62
N ILE A 208 -8.47 -2.90 9.68
CA ILE A 208 -7.32 -2.02 9.77
C ILE A 208 -7.76 -0.61 10.18
N LEU A 209 -7.26 -0.16 11.32
CA LEU A 209 -7.56 1.17 11.85
C LEU A 209 -6.61 2.21 11.26
N SER A 210 -7.17 3.29 10.74
CA SER A 210 -6.35 4.33 10.12
C SER A 210 -7.10 5.64 10.05
N THR A 211 -6.43 6.67 9.54
CA THR A 211 -7.04 7.99 9.34
C THR A 211 -8.25 8.01 8.43
N TRP A 212 -9.18 8.91 8.71
CA TRP A 212 -10.36 9.10 7.86
C TRP A 212 -10.59 10.60 7.67
N ILE A 213 -11.45 10.95 6.72
CA ILE A 213 -11.76 12.36 6.49
C ILE A 213 -12.52 13.00 7.67
N GLY A 214 -12.49 14.34 7.74
CA GLY A 214 -13.04 15.06 8.88
C GLY A 214 -12.16 14.97 10.11
N GLY A 215 -10.87 14.71 9.91
CA GLY A 215 -9.93 14.53 11.03
C GLY A 215 -10.25 13.38 11.98
N SER A 216 -10.86 12.34 11.43
N SER A 216 -10.84 12.32 11.44
CA SER A 216 -11.34 11.20 12.22
CA SER A 216 -11.30 11.21 12.27
C SER A 216 -10.57 9.93 11.86
C SER A 216 -10.49 9.95 11.97
N THR A 217 -10.98 8.80 12.43
CA THR A 217 -10.34 7.52 12.19
C THR A 217 -11.43 6.49 12.00
N ARG A 218 -11.12 5.42 11.29
CA ARG A 218 -12.00 4.24 11.30
C ARG A 218 -11.28 2.98 10.87
N SER A 219 -11.92 1.87 11.15
CA SER A 219 -11.40 0.57 10.79
C SER A 219 -12.19 0.04 9.62
N ILE A 220 -11.49 -0.30 8.53
CA ILE A 220 -12.10 -0.96 7.36
C ILE A 220 -11.23 -2.13 6.88
N SER A 221 -11.76 -2.92 5.95
CA SER A 221 -11.11 -4.14 5.47
C SER A 221 -10.90 -4.16 3.95
N GLY A 222 -9.83 -4.81 3.49
CA GLY A 222 -9.58 -4.89 2.05
C GLY A 222 -8.13 -5.10 1.69
N THR A 223 -7.89 -5.59 0.47
CA THR A 223 -6.53 -5.65 -0.06
C THR A 223 -6.02 -4.22 -0.28
N SER A 224 -6.95 -3.26 -0.31
CA SER A 224 -6.62 -1.84 -0.31
C SER A 224 -5.86 -1.41 0.96
N MET A 225 -6.12 -2.10 2.08
CA MET A 225 -5.47 -1.83 3.38
C MET A 225 -4.13 -2.57 3.51
N ALA A 226 -4.02 -3.70 2.82
CA ALA A 226 -2.80 -4.51 2.83
C ALA A 226 -1.69 -3.83 2.04
N THR A 227 -2.08 -3.19 0.94
CA THR A 227 -1.15 -2.59 -0.02
C THR A 227 -0.27 -1.49 0.63
N PRO A 228 -0.88 -0.49 1.30
CA PRO A 228 -0.08 0.54 1.96
C PRO A 228 0.88 0.01 3.05
N HIS A 229 0.58 -1.16 3.62
CA HIS A 229 1.49 -1.79 4.58
C HIS A 229 2.81 -2.15 3.90
N VAL A 230 2.73 -2.77 2.72
CA VAL A 230 3.88 -3.13 1.91
C VAL A 230 4.57 -1.88 1.33
N ALA A 231 3.77 -0.95 0.81
CA ALA A 231 4.32 0.29 0.26
C ALA A 231 5.06 1.08 1.34
N GLY A 232 4.49 1.15 2.55
CA GLY A 232 5.15 1.77 3.69
C GLY A 232 6.40 1.03 4.13
N LEU A 233 6.36 -0.30 4.12
CA LEU A 233 7.54 -1.13 4.44
C LEU A 233 8.69 -0.94 3.43
N ALA A 234 8.35 -0.87 2.13
CA ALA A 234 9.33 -0.57 1.09
C ALA A 234 10.06 0.76 1.37
N ALA A 235 9.29 1.83 1.58
CA ALA A 235 9.84 3.15 1.91
C ALA A 235 10.80 3.08 3.11
N TYR A 236 10.34 2.44 4.18
CA TYR A 236 11.14 2.13 5.37
C TYR A 236 12.48 1.43 5.06
N LEU A 237 12.44 0.36 4.28
CA LEU A 237 13.63 -0.44 3.95
C LEU A 237 14.58 0.27 2.98
N MET A 238 14.04 1.16 2.16
CA MET A 238 14.83 1.93 1.20
C MET A 238 15.59 3.05 1.92
N THR A 239 14.94 3.70 2.88
CA THR A 239 15.59 4.64 3.77
C THR A 239 16.76 4.00 4.55
N LEU A 240 16.59 2.76 4.98
CA LEU A 240 17.63 2.04 5.72
C LEU A 240 18.72 1.50 4.78
N GLY A 241 18.55 1.71 3.49
CA GLY A 241 19.53 1.30 2.48
C GLY A 241 19.63 -0.21 2.23
N LYS A 242 18.61 -0.96 2.66
CA LYS A 242 18.63 -2.42 2.55
C LYS A 242 18.25 -2.93 1.16
N THR A 243 17.51 -2.11 0.41
CA THR A 243 17.05 -2.47 -0.91
C THR A 243 16.83 -1.21 -1.76
N THR A 244 16.54 -1.39 -3.04
CA THR A 244 16.26 -0.29 -3.98
C THR A 244 14.84 -0.45 -4.49
N ALA A 245 14.38 0.51 -5.29
CA ALA A 245 13.03 0.44 -5.87
C ALA A 245 12.86 -0.75 -6.82
N ALA A 246 13.91 -1.06 -7.57
CA ALA A 246 13.87 -2.17 -8.53
C ALA A 246 13.75 -3.53 -7.86
N SER A 247 14.21 -3.63 -6.62
CA SER A 247 14.35 -4.93 -5.98
C SER A 247 13.62 -5.07 -4.65
N ALA A 248 12.89 -4.03 -4.24
CA ALA A 248 12.23 -4.04 -2.93
C ALA A 248 11.21 -5.17 -2.75
N CYS A 249 10.38 -5.40 -3.76
CA CYS A 249 9.35 -6.45 -3.68
C CYS A 249 10.00 -7.82 -3.44
N ARG A 250 11.04 -8.12 -4.23
N ARG A 250 11.03 -8.11 -4.22
CA ARG A 250 11.83 -9.35 -4.11
CA ARG A 250 11.82 -9.33 -4.11
C ARG A 250 12.49 -9.45 -2.74
C ARG A 250 12.49 -9.44 -2.74
N TYR A 251 13.03 -8.33 -2.25
CA TYR A 251 13.66 -8.29 -0.94
C TYR A 251 12.62 -8.55 0.17
N ILE A 252 11.41 -8.01 0.00
CA ILE A 252 10.32 -8.21 0.96
C ILE A 252 9.86 -9.68 1.02
N ALA A 253 9.78 -10.35 -0.14
CA ALA A 253 9.46 -11.77 -0.19
C ALA A 253 10.56 -12.66 0.41
N ASP A 254 11.82 -12.29 0.17
CA ASP A 254 12.97 -13.07 0.65
C ASP A 254 13.09 -13.07 2.16
N THR A 255 12.74 -11.94 2.77
CA THR A 255 12.88 -11.73 4.21
C THR A 255 11.53 -11.84 4.93
N ALA A 256 10.51 -12.32 4.23
CA ALA A 256 9.15 -12.45 4.79
C ALA A 256 9.05 -13.59 5.80
N ASN A 257 8.02 -13.54 6.65
CA ASN A 257 7.57 -14.70 7.40
C ASN A 257 6.97 -15.72 6.44
N LYS A 258 7.56 -16.92 6.41
CA LYS A 258 7.17 -17.96 5.45
C LYS A 258 6.36 -19.08 6.11
N GLY A 259 5.26 -19.46 5.46
CA GLY A 259 4.45 -20.62 5.88
C GLY A 259 3.50 -20.42 7.07
N ASP A 260 3.40 -19.18 7.55
CA ASP A 260 2.58 -18.90 8.75
C ASP A 260 1.09 -18.69 8.47
N LEU A 261 0.74 -18.45 7.21
CA LEU A 261 -0.65 -18.17 6.85
C LEU A 261 -1.50 -19.44 6.57
N SER A 262 -2.78 -19.40 6.95
N SER A 262 -2.77 -19.40 6.94
CA SER A 262 -3.72 -20.47 6.64
CA SER A 262 -3.70 -20.49 6.61
C SER A 262 -4.70 -20.05 5.55
C SER A 262 -4.68 -20.06 5.54
N ASN A 263 -5.33 -21.05 4.92
CA ASN A 263 -6.21 -20.85 3.75
C ASN A 263 -5.55 -20.20 2.51
N ILE A 264 -4.29 -20.59 2.27
CA ILE A 264 -3.58 -20.23 1.05
C ILE A 264 -3.77 -21.38 0.06
N PRO A 265 -4.44 -21.11 -1.09
CA PRO A 265 -4.65 -22.12 -2.11
C PRO A 265 -3.31 -22.57 -2.69
N PHE A 266 -3.20 -23.84 -3.05
CA PHE A 266 -1.98 -24.35 -3.66
C PHE A 266 -1.60 -23.49 -4.86
N GLY A 267 -0.32 -23.18 -4.97
CA GLY A 267 0.15 -22.32 -6.06
C GLY A 267 0.23 -20.83 -5.73
N THR A 268 -0.22 -20.45 -4.54
CA THR A 268 -0.12 -19.07 -4.07
C THR A 268 0.98 -19.02 -3.01
N VAL A 269 1.77 -17.96 -3.01
CA VAL A 269 2.86 -17.83 -2.03
C VAL A 269 2.32 -17.70 -0.60
N ASN A 270 2.98 -18.38 0.33
CA ASN A 270 2.67 -18.21 1.74
C ASN A 270 3.75 -17.32 2.33
N LEU A 271 3.59 -16.00 2.17
CA LEU A 271 4.60 -15.03 2.60
C LEU A 271 3.96 -13.81 3.21
N LEU A 272 4.40 -13.45 4.42
CA LEU A 272 3.83 -12.30 5.13
C LEU A 272 4.88 -11.23 5.34
N ALA A 273 4.55 -10.01 4.92
CA ALA A 273 5.45 -8.85 5.05
C ALA A 273 6.02 -8.72 6.47
N TYR A 274 7.34 -8.54 6.55
CA TYR A 274 8.04 -8.53 7.84
C TYR A 274 9.28 -7.62 7.78
N ASN A 275 9.44 -6.78 8.79
CA ASN A 275 10.52 -5.76 8.77
C ASN A 275 11.86 -6.26 9.28
N ASN A 276 11.85 -7.38 9.99
CA ASN A 276 13.07 -8.04 10.43
C ASN A 276 13.84 -7.16 11.40
N TYR A 277 13.10 -6.44 12.25
CA TYR A 277 13.73 -5.48 13.15
C TYR A 277 14.32 -6.17 14.38
N GLN A 278 15.51 -5.75 14.74
CA GLN A 278 16.20 -6.24 15.92
C GLN A 278 16.86 -5.06 16.61
N ALA A 279 16.45 -4.81 17.85
CA ALA A 279 16.98 -3.69 18.64
C ALA A 279 18.48 -3.87 18.93
N GLY B 1 -10.42 0.81 -11.45
CA GLY B 1 -11.16 0.74 -12.75
C GLY B 1 -12.59 0.34 -12.49
N ASP B 2 -12.75 -0.71 -11.69
CA ASP B 2 -14.06 -1.22 -11.28
C ASP B 2 -13.97 -2.31 -10.22
N GLU B 3 -13.60 -1.93 -8.99
CA GLU B 3 -13.46 -2.87 -7.88
C GLU B 3 -14.17 -2.37 -6.62
N GLN B 4 -13.56 -1.43 -5.89
CA GLN B 4 -14.16 -0.94 -4.65
C GLN B 4 -14.68 0.51 -4.62
N GLY B 5 -15.74 0.72 -3.83
CA GLY B 5 -16.36 2.03 -3.71
C GLY B 5 -17.06 2.24 -2.37
N GLU B 6 -17.58 1.14 -1.81
CA GLU B 6 -18.26 1.11 -0.51
C GLU B 6 -18.49 -0.37 -0.10
N ASN B 7 -19.08 -1.16 -0.99
CA ASN B 7 -19.33 -2.59 -0.76
C ASN B 7 -18.53 -3.32 0.31
N LYS B 8 -19.21 -4.01 1.21
CA LYS B 8 -18.51 -4.77 2.26
C LYS B 8 -18.50 -6.24 1.83
CA CA C . 5.18 -9.25 -9.13
C ACY D . -11.30 -1.42 0.11
O ACY D . -11.17 -0.61 -0.83
OXT ACY D . -11.89 -1.18 1.19
CH3 ACY D . -10.72 -2.79 -0.10
#